data_2DPD
#
_entry.id   2DPD
#
_cell.length_a   117.006
_cell.length_b   117.006
_cell.length_c   165.553
_cell.angle_alpha   90.00
_cell.angle_beta   90.00
_cell.angle_gamma   120.00
#
_symmetry.space_group_name_H-M   'P 64 2 2'
#
loop_
_entity.id
_entity.type
_entity.pdbx_description
1 polymer "5'-D(*CP*TP*AP*TP*GP*AP*AP*CP*AP*TP*AP*AP*TP*GP*TP*TP*CP*AP*TP*AP*G)-3'"
2 polymer "5'-D(*CP*TP*AP*TP*GP*AP*AP*CP*AP*TP*TP*AP*TP*GP*TP*TP*CP*AP*TP*AP*G)-3'"
3 polymer 'Replication termination protein'
4 water water
#
loop_
_entity_poly.entity_id
_entity_poly.type
_entity_poly.pdbx_seq_one_letter_code
_entity_poly.pdbx_strand_id
1 'polydeoxyribonucleotide'
;(DC)(DT)(DA)(DT)(DG)(DA)(DA)(DC)(DA)(DT)(DA)(DA)(DT)(DG)(DT)(DT)(DC)(DA)(DT)(DA)
(DG)
;
D
2 'polydeoxyribonucleotide'
;(DC)(DT)(DA)(DT)(DG)(DA)(DA)(DC)(DA)(DT)(DT)(DA)(DT)(DG)(DT)(DT)(DC)(DA)(DT)(DA)
(DG)
;
E
3 'polypeptide(L)'
;MKEEKRSSTGFLVKQRAFLKLYMITMTEQERLYGLKLLEVLRSEFKEIGFKPNHTEVYRSLHELLDDGILKQIKVKKEGA
KLQEVVLYQFKDYEAAKLYKKQLKVELDRSKKLIEKALSDNF
;
A,B
#
loop_
_chem_comp.id
_chem_comp.type
_chem_comp.name
_chem_comp.formula
DA DNA linking 2'-DEOXYADENOSINE-5'-MONOPHOSPHATE 'C10 H14 N5 O6 P'
DC DNA linking 2'-DEOXYCYTIDINE-5'-MONOPHOSPHATE 'C9 H14 N3 O7 P'
DG DNA linking 2'-DEOXYGUANOSINE-5'-MONOPHOSPHATE 'C10 H14 N5 O7 P'
DT DNA linking THYMIDINE-5'-MONOPHOSPHATE 'C10 H15 N2 O8 P'
#
# COMPACT_ATOMS: atom_id res chain seq x y z
N SER C 8 -3.30 5.47 -11.78
CA SER C 8 -2.32 4.96 -10.78
C SER C 8 -2.55 3.47 -10.57
N THR C 9 -2.93 2.78 -11.66
CA THR C 9 -3.09 1.32 -11.68
C THR C 9 -4.03 0.75 -10.61
N GLY C 10 -4.66 1.64 -9.86
CA GLY C 10 -5.67 1.30 -8.89
C GLY C 10 -5.25 0.43 -7.73
N PHE C 11 -3.98 0.49 -7.31
CA PHE C 11 -3.49 -0.37 -6.22
C PHE C 11 -3.83 0.16 -4.85
N LEU C 12 -2.92 0.05 -3.89
CA LEU C 12 -3.24 0.34 -2.48
C LEU C 12 -2.99 1.76 -2.14
N VAL C 13 -3.67 2.20 -1.09
CA VAL C 13 -3.66 3.58 -0.65
C VAL C 13 -2.24 4.06 -0.37
N LYS C 14 -1.92 5.24 -0.89
CA LYS C 14 -0.58 5.78 -0.74
C LYS C 14 -0.37 6.12 0.74
N GLN C 15 0.89 6.30 1.13
CA GLN C 15 1.19 6.63 2.51
C GLN C 15 0.68 8.04 2.85
N ARG C 16 0.95 9.02 2.00
CA ARG C 16 0.58 10.39 2.33
C ARG C 16 -0.91 10.51 2.52
N ALA C 17 -1.69 9.76 1.73
CA ALA C 17 -3.15 9.78 1.86
C ALA C 17 -3.54 9.24 3.21
N PHE C 18 -2.90 8.15 3.60
CA PHE C 18 -3.10 7.56 4.90
C PHE C 18 -2.79 8.56 6.01
N LEU C 19 -1.71 9.33 5.89
CA LEU C 19 -1.47 10.37 6.89
C LEU C 19 -2.51 11.47 6.78
N LYS C 20 -2.62 12.06 5.60
CA LYS C 20 -3.56 13.16 5.40
C LYS C 20 -4.88 12.87 6.08
N LEU C 21 -5.45 11.70 5.84
CA LEU C 21 -6.62 11.27 6.56
C LEU C 21 -6.46 11.48 8.07
N TYR C 22 -5.44 10.90 8.67
CA TYR C 22 -5.22 11.09 10.11
C TYR C 22 -5.13 12.55 10.56
N MET C 23 -4.41 13.41 9.85
CA MET C 23 -4.40 14.84 10.19
C MET C 23 -5.79 15.42 10.24
N ILE C 24 -6.55 15.16 9.17
CA ILE C 24 -7.87 15.68 9.01
C ILE C 24 -8.71 15.28 10.20
N THR C 25 -8.71 14.02 10.58
CA THR C 25 -9.49 13.62 11.74
C THR C 25 -8.98 14.23 13.03
N MET C 26 -7.67 14.29 13.21
CA MET C 26 -7.15 14.85 14.44
C MET C 26 -7.35 16.36 14.59
N THR C 27 -7.35 17.08 13.47
CA THR C 27 -7.75 18.48 13.48
C THR C 27 -9.19 18.60 13.92
N GLU C 28 -10.05 17.69 13.49
CA GLU C 28 -11.42 17.72 13.97
C GLU C 28 -11.51 17.77 15.51
N GLN C 29 -10.57 17.14 16.21
CA GLN C 29 -10.66 17.00 17.68
C GLN C 29 -9.75 17.89 18.53
N GLU C 30 -8.55 18.18 18.04
CA GLU C 30 -7.50 18.82 18.85
C GLU C 30 -6.82 19.89 17.98
N ARG C 31 -5.82 20.58 18.51
CA ARG C 31 -4.96 21.36 17.63
C ARG C 31 -3.63 20.62 17.54
N LEU C 32 -3.18 20.37 16.31
CA LEU C 32 -1.96 19.61 16.12
C LEU C 32 -0.95 20.32 15.25
N TYR C 33 0.29 19.90 15.41
CA TYR C 33 1.38 20.29 14.54
C TYR C 33 2.21 19.05 14.13
N GLY C 34 3.18 19.24 13.25
CA GLY C 34 3.94 18.15 12.68
C GLY C 34 4.44 17.11 13.66
N LEU C 35 5.39 17.51 14.48
CA LEU C 35 6.06 16.63 15.46
C LEU C 35 5.17 15.96 16.49
N LYS C 36 4.09 16.64 16.87
CA LYS C 36 3.05 16.03 17.67
C LYS C 36 2.41 14.86 16.92
N LEU C 37 1.73 15.14 15.81
CA LEU C 37 1.07 14.11 15.05
C LEU C 37 2.00 12.93 14.82
N LEU C 38 3.23 13.21 14.40
CA LEU C 38 4.20 12.15 14.17
C LEU C 38 4.36 11.24 15.38
N GLU C 39 4.59 11.83 16.56
CA GLU C 39 4.85 11.03 17.75
C GLU C 39 3.63 10.26 18.19
N VAL C 40 2.47 10.87 18.02
CA VAL C 40 1.19 10.22 18.28
C VAL C 40 0.99 9.02 17.38
N LEU C 41 1.31 9.19 16.09
CA LEU C 41 1.22 8.10 15.14
C LEU C 41 2.25 7.04 15.43
N ARG C 42 3.47 7.47 15.72
CA ARG C 42 4.58 6.56 15.95
C ARG C 42 4.20 5.59 17.05
N SER C 43 3.73 6.15 18.17
CA SER C 43 3.17 5.38 19.27
C SER C 43 1.97 4.52 18.83
N GLU C 44 0.91 5.16 18.36
CA GLU C 44 -0.33 4.49 17.93
C GLU C 44 -0.09 3.24 17.11
N PHE C 45 0.93 3.23 16.26
CA PHE C 45 1.14 2.08 15.43
C PHE C 45 2.20 1.10 15.94
N LYS C 46 3.15 1.58 16.74
CA LYS C 46 4.35 0.79 17.14
C LYS C 46 4.21 -0.74 17.15
N GLU C 47 3.14 -1.22 17.78
CA GLU C 47 2.83 -2.65 17.75
C GLU C 47 2.68 -3.19 16.33
N ILE C 48 1.59 -2.85 15.65
CA ILE C 48 1.42 -3.25 14.24
C ILE C 48 2.73 -3.14 13.51
N GLY C 49 3.46 -2.05 13.75
CA GLY C 49 4.89 -1.94 13.32
C GLY C 49 5.23 -0.89 12.25
N PHE C 50 4.29 0.04 12.05
CA PHE C 50 4.43 1.13 11.09
C PHE C 50 4.99 2.33 11.82
N LYS C 51 6.13 2.80 11.34
CA LYS C 51 6.88 3.88 11.99
C LYS C 51 7.25 4.93 10.93
N PRO C 52 6.29 5.84 10.66
CA PRO C 52 6.44 6.88 9.66
C PRO C 52 7.52 7.87 10.07
N ASN C 53 8.17 8.51 9.09
CA ASN C 53 9.19 9.51 9.38
C ASN C 53 8.64 10.95 9.39
N HIS C 54 9.45 11.92 9.83
CA HIS C 54 8.92 13.27 10.02
C HIS C 54 8.64 13.97 8.72
N THR C 55 9.57 13.82 7.76
CA THR C 55 9.48 14.53 6.48
C THR C 55 8.26 14.09 5.68
N GLU C 56 7.87 12.82 5.83
CA GLU C 56 6.63 12.36 5.22
C GLU C 56 5.44 13.12 5.82
N VAL C 57 5.39 13.24 7.14
CA VAL C 57 4.36 14.03 7.78
C VAL C 57 4.33 15.48 7.28
N TYR C 58 5.50 16.10 7.18
CA TYR C 58 5.55 17.50 6.76
C TYR C 58 5.13 17.67 5.30
N ARG C 59 5.32 16.63 4.49
CA ARG C 59 4.83 16.64 3.11
C ARG C 59 3.32 16.59 3.03
N SER C 60 2.74 15.53 3.59
CA SER C 60 1.29 15.41 3.77
C SER C 60 0.67 16.73 4.22
N LEU C 61 1.26 17.37 5.24
CA LEU C 61 0.75 18.63 5.76
C LEU C 61 0.72 19.73 4.73
N HIS C 62 1.85 19.93 4.05
CA HIS C 62 1.96 21.02 3.11
C HIS C 62 1.06 20.85 1.89
N GLU C 63 0.77 19.60 1.53
CA GLU C 63 -0.25 19.34 0.51
C GLU C 63 -1.60 19.86 0.95
N LEU C 64 -2.11 19.35 2.07
CA LEU C 64 -3.35 19.86 2.68
C LEU C 64 -3.41 21.38 2.77
N LEU C 65 -2.24 22.01 2.84
CA LEU C 65 -2.15 23.44 2.71
C LEU C 65 -2.44 23.88 1.29
N ASP C 66 -1.62 23.42 0.37
CA ASP C 66 -1.74 23.76 -1.04
C ASP C 66 -3.10 23.38 -1.63
N ASP C 67 -3.70 22.32 -1.11
CA ASP C 67 -5.06 21.95 -1.50
C ASP C 67 -6.09 22.87 -0.85
N GLY C 68 -5.65 23.74 0.05
CA GLY C 68 -6.53 24.69 0.68
C GLY C 68 -7.52 24.08 1.65
N ILE C 69 -7.23 22.87 2.13
CA ILE C 69 -8.03 22.30 3.20
C ILE C 69 -7.67 22.97 4.52
N LEU C 70 -6.37 23.08 4.81
CA LEU C 70 -5.92 23.63 6.09
C LEU C 70 -5.12 24.93 5.96
N LYS C 71 -4.89 25.56 7.11
CA LYS C 71 -4.04 26.76 7.18
C LYS C 71 -3.17 26.78 8.44
N GLN C 72 -2.10 27.56 8.38
CA GLN C 72 -1.08 27.61 9.42
C GLN C 72 -1.25 28.78 10.39
N ILE C 73 -0.84 28.57 11.64
CA ILE C 73 -0.67 29.64 12.64
C ILE C 73 0.65 29.37 13.37
N LYS C 74 1.43 30.43 13.61
CA LYS C 74 2.80 30.29 14.11
C LYS C 74 2.97 30.33 15.63
N VAL C 75 1.98 29.82 16.36
CA VAL C 75 1.86 30.02 17.81
C VAL C 75 3.04 29.55 18.68
N LYS C 76 2.83 29.65 19.99
CA LYS C 76 3.77 29.17 20.99
C LYS C 76 3.07 28.21 21.95
N LYS C 77 3.41 26.94 21.86
CA LYS C 77 2.97 25.96 22.85
C LYS C 77 4.09 25.82 23.88
N GLU C 78 3.88 26.46 25.03
CA GLU C 78 4.91 26.56 26.06
C GLU C 78 5.13 25.26 26.81
N GLY C 79 4.17 24.86 27.64
CA GLY C 79 4.35 23.74 28.54
C GLY C 79 5.26 24.16 29.69
N ALA C 80 6.56 24.22 29.39
CA ALA C 80 7.55 24.75 30.34
C ALA C 80 8.60 25.63 29.66
N LYS C 81 8.57 25.66 28.33
CA LYS C 81 9.54 26.43 27.54
C LYS C 81 8.91 27.63 26.85
N LEU C 82 9.47 28.03 25.71
CA LEU C 82 8.99 29.15 24.91
C LEU C 82 9.37 28.90 23.44
N GLN C 83 8.74 27.90 22.83
CA GLN C 83 9.08 27.44 21.48
C GLN C 83 8.05 27.82 20.42
N GLU C 84 8.55 28.22 19.24
CA GLU C 84 7.69 28.49 18.08
C GLU C 84 7.28 27.17 17.45
N VAL C 85 6.00 27.05 17.11
CA VAL C 85 5.44 25.81 16.58
C VAL C 85 4.29 26.09 15.64
N VAL C 86 4.32 25.51 14.45
CA VAL C 86 3.26 25.76 13.47
C VAL C 86 2.04 24.86 13.68
N LEU C 87 0.95 25.44 14.19
CA LEU C 87 -0.28 24.68 14.43
C LEU C 87 -1.21 24.71 13.23
N TYR C 88 -2.23 23.86 13.24
CA TYR C 88 -3.11 23.71 12.08
C TYR C 88 -4.58 23.89 12.41
N GLN C 89 -5.29 24.57 11.53
CA GLN C 89 -6.75 24.61 11.59
C GLN C 89 -7.35 24.54 10.19
N PHE C 90 -8.66 24.33 10.12
CA PHE C 90 -9.35 24.19 8.85
C PHE C 90 -9.43 25.50 8.10
N LYS C 91 -9.15 25.43 6.80
CA LYS C 91 -9.37 26.54 5.90
C LYS C 91 -10.72 26.31 5.27
N ASP C 92 -10.83 25.19 4.56
CA ASP C 92 -12.06 24.82 3.90
C ASP C 92 -12.48 23.46 4.42
N TYR C 93 -13.36 23.47 5.41
CA TYR C 93 -13.80 22.24 6.05
C TYR C 93 -14.74 21.41 5.20
N GLU C 94 -15.42 22.03 4.24
CA GLU C 94 -16.16 21.22 3.25
C GLU C 94 -15.19 20.42 2.41
N ALA C 95 -14.17 21.11 1.91
CA ALA C 95 -13.06 20.49 1.20
C ALA C 95 -12.50 19.30 1.97
N ALA C 96 -12.38 19.45 3.28
CA ALA C 96 -11.92 18.37 4.15
C ALA C 96 -12.91 17.21 4.13
N LYS C 97 -14.17 17.49 4.49
CA LYS C 97 -15.22 16.48 4.50
C LYS C 97 -15.23 15.64 3.22
N LEU C 98 -15.03 16.31 2.10
CA LEU C 98 -15.09 15.70 0.79
C LEU C 98 -13.94 14.71 0.64
N TYR C 99 -12.73 15.19 0.92
CA TYR C 99 -11.51 14.38 0.87
C TYR C 99 -11.54 13.24 1.87
N LYS C 100 -12.14 13.47 3.03
CA LYS C 100 -12.26 12.42 4.02
C LYS C 100 -13.09 11.27 3.44
N LYS C 101 -14.14 11.62 2.70
CA LYS C 101 -15.01 10.62 2.07
C LYS C 101 -14.34 9.81 0.95
N GLN C 102 -13.58 10.50 0.10
CA GLN C 102 -12.73 9.85 -0.86
C GLN C 102 -11.81 8.82 -0.20
N LEU C 103 -11.20 9.20 0.91
CA LEU C 103 -10.25 8.34 1.61
C LEU C 103 -10.93 7.16 2.27
N LYS C 104 -12.21 7.30 2.61
CA LYS C 104 -12.97 6.16 3.05
C LYS C 104 -13.04 5.18 1.91
N VAL C 105 -13.43 5.67 0.72
CA VAL C 105 -13.53 4.84 -0.47
C VAL C 105 -12.22 4.11 -0.75
N GLU C 106 -11.12 4.87 -0.69
CA GLU C 106 -9.77 4.36 -0.86
C GLU C 106 -9.47 3.22 0.09
N LEU C 107 -9.66 3.48 1.38
CA LEU C 107 -9.42 2.48 2.42
C LEU C 107 -10.28 1.28 2.17
N ASP C 108 -11.51 1.52 1.75
CA ASP C 108 -12.43 0.43 1.48
C ASP C 108 -11.93 -0.55 0.41
N ARG C 109 -11.49 -0.02 -0.73
CA ARG C 109 -10.83 -0.84 -1.75
C ARG C 109 -9.61 -1.51 -1.18
N SER C 110 -8.80 -0.72 -0.47
CA SER C 110 -7.53 -1.21 0.06
C SER C 110 -7.75 -2.46 0.89
N LYS C 111 -8.70 -2.38 1.83
CA LYS C 111 -9.14 -3.58 2.54
C LYS C 111 -9.50 -4.68 1.53
N LYS C 112 -10.40 -4.39 0.57
CA LYS C 112 -10.88 -5.42 -0.35
C LYS C 112 -9.71 -6.18 -1.00
N LEU C 113 -8.74 -5.46 -1.58
CA LEU C 113 -7.59 -6.08 -2.22
C LEU C 113 -6.91 -7.01 -1.26
N ILE C 114 -6.58 -6.50 -0.08
CA ILE C 114 -5.79 -7.29 0.87
C ILE C 114 -6.57 -8.56 1.14
N GLU C 115 -7.86 -8.41 1.42
CA GLU C 115 -8.68 -9.56 1.76
C GLU C 115 -8.87 -10.52 0.58
N LYS C 116 -8.81 -10.01 -0.64
CA LYS C 116 -8.92 -10.88 -1.80
C LYS C 116 -7.64 -11.66 -2.00
N ALA C 117 -6.50 -10.96 -1.90
CA ALA C 117 -5.19 -11.60 -1.99
C ALA C 117 -5.02 -12.65 -0.92
N LEU C 118 -5.39 -12.25 0.29
CA LEU C 118 -5.29 -13.07 1.46
C LEU C 118 -6.16 -14.29 1.32
N SER C 119 -7.18 -14.21 0.45
CA SER C 119 -8.14 -15.30 0.27
C SER C 119 -7.73 -16.32 -0.75
N ASP C 120 -7.28 -15.85 -1.91
CA ASP C 120 -6.86 -16.71 -3.01
C ASP C 120 -5.58 -17.47 -2.67
N ASN C 121 -4.57 -16.73 -2.21
CA ASN C 121 -3.24 -17.29 -2.02
C ASN C 121 -3.08 -18.17 -0.78
N PHE C 122 -3.84 -17.92 0.26
CA PHE C 122 -3.70 -18.76 1.43
C PHE C 122 -4.95 -19.49 1.82
N ARG D 6 14.74 3.01 11.71
CA ARG D 6 14.96 2.96 10.24
C ARG D 6 14.45 1.63 9.67
N SER D 7 13.44 1.72 8.82
CA SER D 7 12.98 0.57 8.04
C SER D 7 12.51 1.06 6.68
N SER D 8 11.85 0.18 5.91
CA SER D 8 10.95 0.65 4.87
C SER D 8 9.71 1.21 5.60
N THR D 9 9.96 1.81 6.76
CA THR D 9 8.94 2.49 7.62
C THR D 9 7.73 1.63 8.01
N GLY D 10 7.75 0.39 7.57
CA GLY D 10 6.78 -0.62 7.99
C GLY D 10 5.38 -0.39 7.51
N PHE D 11 5.20 0.27 6.37
CA PHE D 11 3.84 0.56 5.87
C PHE D 11 3.25 -0.62 5.09
N LEU D 12 2.50 -0.33 4.03
CA LEU D 12 1.73 -1.36 3.35
C LEU D 12 2.54 -2.15 2.37
N VAL D 13 2.01 -3.31 2.03
CA VAL D 13 2.66 -4.25 1.15
C VAL D 13 2.93 -3.59 -0.22
N LYS D 14 4.12 -3.84 -0.77
CA LYS D 14 4.47 -3.25 -2.05
C LYS D 14 3.67 -3.97 -3.13
N GLN D 15 3.49 -3.31 -4.28
CA GLN D 15 2.85 -3.93 -5.41
C GLN D 15 3.60 -5.18 -5.87
N ARG D 16 4.91 -5.09 -6.04
CA ARG D 16 5.59 -6.26 -6.61
C ARG D 16 5.45 -7.50 -5.73
N ALA D 17 5.33 -7.26 -4.42
CA ALA D 17 5.17 -8.41 -3.51
C ALA D 17 3.80 -8.99 -3.75
N PHE D 18 2.83 -8.11 -3.80
CA PHE D 18 1.50 -8.53 -4.09
C PHE D 18 1.49 -9.40 -5.34
N LEU D 19 2.10 -8.96 -6.44
CA LEU D 19 2.16 -9.84 -7.62
C LEU D 19 2.96 -11.07 -7.35
N LYS D 20 4.17 -10.92 -6.83
CA LYS D 20 5.03 -12.10 -6.69
C LYS D 20 4.28 -13.23 -6.02
N LEU D 21 3.58 -12.87 -4.92
CA LEU D 21 2.67 -13.78 -4.26
C LEU D 21 1.81 -14.51 -5.26
N TYR D 22 0.94 -13.77 -5.96
CA TYR D 22 0.09 -14.35 -7.01
C TYR D 22 0.81 -15.25 -8.03
N MET D 23 2.00 -14.87 -8.53
CA MET D 23 2.75 -15.78 -9.44
C MET D 23 3.06 -17.12 -8.81
N ILE D 24 3.54 -17.01 -7.58
CA ILE D 24 3.96 -18.17 -6.83
C ILE D 24 2.81 -19.15 -6.69
N THR D 25 1.63 -18.67 -6.27
CA THR D 25 0.49 -19.54 -6.13
C THR D 25 0.06 -20.10 -7.46
N MET D 26 0.00 -19.26 -8.50
CA MET D 26 -0.45 -19.78 -9.79
C MET D 26 0.50 -20.81 -10.40
N THR D 27 1.79 -20.63 -10.18
CA THR D 27 2.74 -21.68 -10.55
C THR D 27 2.42 -22.98 -9.86
N GLU D 28 2.03 -22.91 -8.60
CA GLU D 28 1.64 -24.13 -7.90
C GLU D 28 0.59 -24.90 -8.75
N GLN D 29 -0.33 -24.18 -9.42
CA GLN D 29 -1.50 -24.82 -10.08
C GLN D 29 -1.47 -25.00 -11.61
N GLU D 30 -0.90 -24.02 -12.29
CA GLU D 30 -0.93 -23.95 -13.73
C GLU D 30 0.47 -23.58 -14.26
N ARG D 31 0.72 -23.68 -15.57
CA ARG D 31 1.93 -23.09 -16.10
C ARG D 31 1.56 -21.70 -16.56
N LEU D 32 2.33 -20.69 -16.13
CA LEU D 32 2.02 -19.33 -16.52
C LEU D 32 3.20 -18.59 -17.10
N TYR D 33 2.88 -17.57 -17.89
CA TYR D 33 3.82 -16.59 -18.40
C TYR D 33 3.27 -15.17 -18.21
N GLY D 34 4.08 -14.16 -18.54
CA GLY D 34 3.77 -12.79 -18.13
C GLY D 34 2.38 -12.32 -18.53
N LEU D 35 2.15 -12.26 -19.83
CA LEU D 35 0.92 -11.73 -20.38
C LEU D 35 -0.31 -12.49 -19.95
N LYS D 36 -0.18 -13.81 -19.76
CA LYS D 36 -1.27 -14.61 -19.20
C LYS D 36 -1.60 -14.08 -17.80
N LEU D 37 -0.65 -14.18 -16.87
CA LEU D 37 -0.87 -13.74 -15.50
C LEU D 37 -1.45 -12.35 -15.47
N LEU D 38 -0.92 -11.45 -16.28
CA LEU D 38 -1.44 -10.07 -16.31
C LEU D 38 -2.91 -10.02 -16.66
N GLU D 39 -3.29 -10.75 -17.70
CA GLU D 39 -4.67 -10.67 -18.13
C GLU D 39 -5.58 -11.30 -17.11
N VAL D 40 -5.13 -12.42 -16.55
CA VAL D 40 -5.87 -13.07 -15.49
C VAL D 40 -6.09 -12.15 -14.31
N LEU D 41 -5.05 -11.42 -13.90
CA LEU D 41 -5.15 -10.47 -12.80
C LEU D 41 -6.01 -9.31 -13.19
N ARG D 42 -5.80 -8.78 -14.40
CA ARG D 42 -6.56 -7.61 -14.85
C ARG D 42 -8.06 -7.86 -14.72
N SER D 43 -8.50 -9.02 -15.23
CA SER D 43 -9.85 -9.49 -15.07
C SER D 43 -10.18 -9.66 -13.59
N GLU D 44 -9.47 -10.57 -12.92
CA GLU D 44 -9.72 -10.91 -11.52
C GLU D 44 -10.05 -9.69 -10.65
N PHE D 45 -9.38 -8.57 -10.91
CA PHE D 45 -9.58 -7.41 -10.05
C PHE D 45 -10.53 -6.37 -10.61
N LYS D 46 -10.65 -6.30 -11.93
CA LYS D 46 -11.39 -5.21 -12.63
C LYS D 46 -12.50 -4.51 -11.84
N GLU D 47 -13.32 -5.30 -11.14
CA GLU D 47 -14.37 -4.76 -10.29
C GLU D 47 -13.74 -3.93 -9.18
N ILE D 48 -13.04 -4.57 -8.22
CA ILE D 48 -12.36 -3.84 -7.14
C ILE D 48 -11.69 -2.58 -7.69
N GLY D 49 -11.10 -2.70 -8.88
CA GLY D 49 -10.60 -1.54 -9.64
C GLY D 49 -9.10 -1.44 -9.85
N PHE D 50 -8.37 -2.53 -9.53
CA PHE D 50 -6.91 -2.57 -9.61
C PHE D 50 -6.54 -3.11 -10.98
N LYS D 51 -5.85 -2.27 -11.74
CA LYS D 51 -5.42 -2.64 -13.09
C LYS D 51 -3.89 -2.50 -13.27
N PRO D 52 -3.15 -3.59 -12.99
CA PRO D 52 -1.69 -3.57 -13.00
C PRO D 52 -1.23 -3.55 -14.45
N ASN D 53 -0.03 -3.05 -14.70
CA ASN D 53 0.52 -3.00 -16.07
C ASN D 53 1.47 -4.16 -16.36
N HIS D 54 1.91 -4.28 -17.60
CA HIS D 54 2.66 -5.46 -17.98
C HIS D 54 4.07 -5.42 -17.46
N THR D 55 4.68 -4.24 -17.51
CA THR D 55 6.06 -4.08 -17.09
C THR D 55 6.24 -4.28 -15.59
N GLU D 56 5.20 -4.00 -14.80
CA GLU D 56 5.29 -4.36 -13.41
C GLU D 56 5.34 -5.87 -13.25
N VAL D 57 4.44 -6.57 -13.91
CA VAL D 57 4.48 -8.01 -13.93
C VAL D 57 5.86 -8.57 -14.32
N TYR D 58 6.45 -8.02 -15.38
CA TYR D 58 7.70 -8.59 -15.90
C TYR D 58 8.85 -8.34 -14.93
N ARG D 59 8.73 -7.26 -14.16
CA ARG D 59 9.67 -6.98 -13.06
C ARG D 59 9.58 -8.02 -11.96
N SER D 60 8.40 -8.13 -11.35
CA SER D 60 8.10 -9.16 -10.38
C SER D 60 8.65 -10.51 -10.85
N LEU D 61 8.38 -10.89 -12.08
CA LEU D 61 8.90 -12.16 -12.54
C LEU D 61 10.41 -12.23 -12.47
N HIS D 62 11.10 -11.21 -12.97
CA HIS D 62 12.53 -11.35 -13.10
C HIS D 62 13.21 -11.33 -11.73
N GLU D 63 12.58 -10.72 -10.75
CA GLU D 63 13.05 -10.84 -9.38
C GLU D 63 13.02 -12.30 -8.94
N LEU D 64 11.84 -12.90 -8.94
CA LEU D 64 11.67 -14.31 -8.63
C LEU D 64 12.67 -15.20 -9.33
N LEU D 65 13.12 -14.73 -10.48
CA LEU D 65 14.21 -15.39 -11.14
C LEU D 65 15.49 -15.15 -10.39
N ASP D 66 15.85 -13.89 -10.20
CA ASP D 66 17.13 -13.54 -9.64
C ASP D 66 17.21 -14.02 -8.24
N ASP D 67 16.06 -14.12 -7.57
CA ASP D 67 15.98 -14.71 -6.24
C ASP D 67 16.09 -16.22 -6.28
N GLY D 68 16.17 -16.79 -7.47
CA GLY D 68 16.31 -18.24 -7.61
C GLY D 68 15.12 -19.07 -7.15
N ILE D 69 13.93 -18.43 -7.02
CA ILE D 69 12.71 -19.15 -6.76
C ILE D 69 12.27 -19.87 -8.01
N LEU D 70 12.20 -19.14 -9.12
CA LEU D 70 11.72 -19.72 -10.38
C LEU D 70 12.76 -19.77 -11.49
N LYS D 71 12.41 -20.49 -12.56
CA LYS D 71 13.21 -20.55 -13.76
C LYS D 71 12.35 -20.51 -15.02
N GLN D 72 12.95 -20.02 -16.11
CA GLN D 72 12.24 -19.82 -17.36
C GLN D 72 12.11 -21.09 -18.07
N ILE D 73 11.04 -21.22 -18.85
CA ILE D 73 10.88 -22.28 -19.84
C ILE D 73 10.42 -21.66 -21.15
N LYS D 74 11.31 -21.62 -22.13
CA LYS D 74 11.02 -20.96 -23.41
C LYS D 74 10.26 -21.86 -24.37
N VAL D 75 8.93 -21.79 -24.35
CA VAL D 75 8.11 -22.67 -25.18
C VAL D 75 7.23 -21.93 -26.18
N LYS D 76 6.31 -22.69 -26.77
CA LYS D 76 5.40 -22.20 -27.77
C LYS D 76 4.02 -22.79 -27.51
N LYS D 77 3.30 -22.25 -26.53
CA LYS D 77 1.89 -22.59 -26.33
C LYS D 77 1.07 -21.83 -27.38
N GLU D 78 0.35 -22.62 -28.20
CA GLU D 78 -0.32 -22.10 -29.39
C GLU D 78 -1.84 -22.25 -29.33
N GLY D 79 -2.33 -23.33 -29.96
CA GLY D 79 -3.75 -23.52 -30.21
C GLY D 79 -3.98 -23.53 -31.71
N ALA D 80 -3.88 -22.35 -32.33
CA ALA D 80 -3.99 -22.22 -33.77
C ALA D 80 -2.89 -21.31 -34.33
N LYS D 81 -1.72 -21.34 -33.68
CA LYS D 81 -0.61 -20.44 -34.01
C LYS D 81 0.78 -21.09 -33.88
N LEU D 82 1.80 -20.23 -33.73
CA LEU D 82 3.19 -20.62 -33.53
C LEU D 82 3.88 -19.42 -32.90
N GLN D 83 3.97 -19.41 -31.57
CA GLN D 83 4.32 -18.19 -30.84
C GLN D 83 4.97 -18.41 -29.46
N GLU D 84 6.17 -17.83 -29.33
CA GLU D 84 7.03 -17.94 -28.15
C GLU D 84 6.49 -17.20 -26.94
N VAL D 85 6.31 -17.97 -25.88
CA VAL D 85 5.90 -17.47 -24.58
C VAL D 85 6.89 -18.06 -23.60
N VAL D 86 7.18 -17.33 -22.53
CA VAL D 86 8.14 -17.81 -21.53
C VAL D 86 7.48 -18.25 -20.22
N LEU D 87 7.14 -19.53 -20.17
CA LEU D 87 6.51 -20.09 -18.99
C LEU D 87 7.52 -20.17 -17.85
N TYR D 88 7.08 -19.95 -16.61
CA TYR D 88 8.00 -20.21 -15.50
C TYR D 88 7.65 -21.49 -14.71
N GLN D 89 8.68 -22.21 -14.23
CA GLN D 89 8.52 -23.31 -13.22
C GLN D 89 9.36 -23.07 -11.96
N PHE D 90 9.15 -23.88 -10.92
CA PHE D 90 9.91 -23.73 -9.70
C PHE D 90 11.34 -24.13 -9.86
N LYS D 91 12.22 -23.29 -9.33
CA LYS D 91 13.62 -23.65 -9.24
C LYS D 91 13.78 -24.21 -7.84
N ASP D 92 13.44 -23.39 -6.84
CA ASP D 92 13.65 -23.78 -5.50
C ASP D 92 12.35 -23.61 -4.83
N TYR D 93 11.61 -24.68 -4.74
CA TYR D 93 10.27 -24.61 -4.17
C TYR D 93 10.23 -24.31 -2.65
N GLU D 94 11.27 -24.67 -1.91
CA GLU D 94 11.34 -24.31 -0.50
C GLU D 94 11.48 -22.83 -0.45
N ALA D 95 12.43 -22.31 -1.23
CA ALA D 95 12.57 -20.88 -1.34
C ALA D 95 11.20 -20.22 -1.55
N ALA D 96 10.38 -20.81 -2.39
CA ALA D 96 9.04 -20.26 -2.63
C ALA D 96 8.19 -20.31 -1.38
N LYS D 97 8.04 -21.50 -0.82
CA LYS D 97 7.22 -21.69 0.36
C LYS D 97 7.54 -20.63 1.41
N LEU D 98 8.84 -20.43 1.61
CA LEU D 98 9.35 -19.57 2.65
C LEU D 98 8.85 -18.14 2.37
N TYR D 99 9.12 -17.64 1.16
CA TYR D 99 8.64 -16.33 0.73
C TYR D 99 7.13 -16.22 0.80
N LYS D 100 6.42 -17.29 0.51
CA LYS D 100 4.97 -17.18 0.50
C LYS D 100 4.53 -16.92 1.91
N LYS D 101 5.24 -17.52 2.87
CA LYS D 101 4.94 -17.33 4.28
C LYS D 101 5.23 -15.92 4.73
N GLN D 102 6.38 -15.39 4.35
CA GLN D 102 6.64 -13.96 4.55
C GLN D 102 5.46 -13.11 4.07
N LEU D 103 5.02 -13.34 2.83
CA LEU D 103 3.93 -12.57 2.24
C LEU D 103 2.60 -12.75 2.94
N LYS D 104 2.39 -13.88 3.58
CA LYS D 104 1.22 -13.98 4.42
C LYS D 104 1.37 -12.95 5.53
N VAL D 105 2.55 -12.98 6.17
CA VAL D 105 2.81 -12.09 7.28
C VAL D 105 2.58 -10.64 6.83
N GLU D 106 3.15 -10.31 5.67
CA GLU D 106 3.00 -8.98 5.10
C GLU D 106 1.53 -8.56 4.92
N LEU D 107 0.78 -9.40 4.23
CA LEU D 107 -0.61 -9.18 4.01
C LEU D 107 -1.34 -9.05 5.35
N ASP D 108 -0.89 -9.82 6.34
CA ASP D 108 -1.58 -9.76 7.62
C ASP D 108 -1.48 -8.40 8.31
N ARG D 109 -0.26 -7.87 8.44
CA ARG D 109 -0.08 -6.48 8.86
C ARG D 109 -0.89 -5.49 8.01
N SER D 110 -0.75 -5.63 6.69
CA SER D 110 -1.41 -4.72 5.78
C SER D 110 -2.90 -4.62 6.06
N LYS D 111 -3.55 -5.77 6.21
CA LYS D 111 -4.91 -5.76 6.68
C LYS D 111 -4.99 -4.98 7.98
N LYS D 112 -4.13 -5.30 8.96
CA LYS D 112 -4.23 -4.68 10.30
C LYS D 112 -4.25 -3.17 10.19
N LEU D 113 -3.27 -2.62 9.49
CA LEU D 113 -3.19 -1.17 9.23
C LEU D 113 -4.48 -0.59 8.68
N ILE D 114 -4.94 -1.11 7.56
CA ILE D 114 -6.15 -0.61 6.93
C ILE D 114 -7.30 -0.66 7.91
N GLU D 115 -7.45 -1.79 8.60
CA GLU D 115 -8.52 -1.93 9.57
C GLU D 115 -8.37 -0.98 10.76
N LYS D 116 -7.15 -0.70 11.18
CA LYS D 116 -6.92 0.27 12.24
C LYS D 116 -7.28 1.71 11.77
N ALA D 117 -6.75 2.11 10.62
CA ALA D 117 -7.05 3.41 10.06
C ALA D 117 -8.54 3.57 9.90
N LEU D 118 -9.17 2.51 9.40
CA LEU D 118 -10.57 2.49 9.07
C LEU D 118 -11.42 2.57 10.32
N SER D 119 -10.83 2.20 11.45
CA SER D 119 -11.51 2.20 12.75
C SER D 119 -11.43 3.55 13.41
N ASP D 120 -10.23 4.09 13.54
CA ASP D 120 -10.01 5.40 14.18
C ASP D 120 -10.72 6.51 13.42
N ASN D 121 -10.45 6.65 12.13
CA ASN D 121 -10.89 7.83 11.39
C ASN D 121 -12.36 7.88 11.01
N PHE D 122 -13.01 6.72 10.98
CA PHE D 122 -14.43 6.67 10.62
C PHE D 122 -15.30 5.96 11.64
#